data_6NZP
#
_entry.id   6NZP
#
_cell.length_a   71.630
_cell.length_b   66.970
_cell.length_c   75.100
_cell.angle_alpha   90.00
_cell.angle_beta   113.34
_cell.angle_gamma   90.00
#
_symmetry.space_group_name_H-M   'P 1 21 1'
#
loop_
_entity.id
_entity.type
_entity.pdbx_description
1 polymer 'Non-receptor tyrosine-protein kinase TYK2'
2 non-polymer 6-[(cyclopropanecarbonyl)amino]-4-{[2-methoxy-3-(1-methyl-1H-1,2,4-triazol-3-yl)phenyl]amino}-N-methylpyridazine-3-carboxamide
3 non-polymer 'CHLORIDE ION'
4 water water
#
_entity_poly.entity_id   1
_entity_poly.type   'polypeptide(L)'
_entity_poly.pdbx_seq_one_letter_code
;MGSSHHHHHHSSGETVRFQGHMNLSQLSFHRVDQKEITQLSHLGQGTRTNVYEGRLRVEGSGDPEEGKMDDEDPLVPGRD
RGQELRVVLKVLDPSHHDIALAFYETASLMSQVSHTHLAFVHGVCVRGPENIMVTEYVEHGPLDVWLRRERGHVPMAWKM
VVAQQLASALSYLENKNLVHGNVCGRNILLARLGLAEGTSPFIKLSDPGVGLGALSREERVERIPWLAPECLPGGANSLS
TAMDKWGFGATLLEICFDGEAPLQSRSPSEKEHFYQRQHRLPEPSCPQLATLTSQCLTYEPTQRPSFRTILRDLTRL
;
_entity_poly.pdbx_strand_id   A,B
#
# COMPACT_ATOMS: atom_id res chain seq x y z
N SER A 28 -28.74 5.92 13.53
CA SER A 28 -27.72 6.38 14.47
C SER A 28 -26.52 5.45 14.48
N PHE A 29 -26.45 4.42 15.35
CA PHE A 29 -25.25 3.57 15.28
C PHE A 29 -25.54 2.10 15.48
N HIS A 30 -24.78 1.22 14.81
CA HIS A 30 -24.95 -0.22 14.98
C HIS A 30 -24.28 -0.65 16.28
N ARG A 31 -24.90 -1.55 17.01
CA ARG A 31 -24.38 -2.01 18.28
C ARG A 31 -23.58 -3.27 18.03
N VAL A 32 -22.44 -3.46 18.69
CA VAL A 32 -21.54 -4.61 18.48
C VAL A 32 -21.38 -5.32 19.82
N ASP A 33 -21.53 -6.67 19.85
CA ASP A 33 -21.34 -7.44 21.08
C ASP A 33 -19.86 -7.58 21.36
N GLN A 34 -19.48 -7.58 22.65
CA GLN A 34 -18.12 -7.76 23.13
C GLN A 34 -17.47 -9.04 22.59
N LYS A 35 -18.26 -10.13 22.53
CA LYS A 35 -17.83 -11.45 22.04
C LYS A 35 -17.28 -11.40 20.60
N GLU A 36 -17.89 -10.56 19.73
CA GLU A 36 -17.52 -10.35 18.32
C GLU A 36 -16.15 -9.64 18.07
N ILE A 37 -15.59 -8.98 19.10
CA ILE A 37 -14.35 -8.22 18.87
C ILE A 37 -13.14 -8.77 19.64
N THR A 38 -11.99 -8.76 18.95
CA THR A 38 -10.69 -9.21 19.45
C THR A 38 -9.74 -8.02 19.36
N GLN A 39 -9.11 -7.67 20.50
CA GLN A 39 -8.17 -6.56 20.59
C GLN A 39 -6.76 -7.06 20.34
N LEU A 40 -5.99 -6.28 19.57
CA LEU A 40 -4.61 -6.63 19.29
C LEU A 40 -3.63 -5.50 19.68
N SER A 41 -2.74 -5.09 18.77
CA SER A 41 -1.68 -4.11 18.96
C SER A 41 -2.16 -2.69 19.14
N HIS A 42 -1.58 -2.00 20.12
CA HIS A 42 -1.87 -0.61 20.43
C HIS A 42 -1.22 0.23 19.35
N LEU A 43 -2.01 1.09 18.73
CA LEU A 43 -1.55 1.96 17.66
C LEU A 43 -1.27 3.37 18.17
N GLY A 44 -1.96 3.79 19.22
CA GLY A 44 -1.79 5.12 19.80
C GLY A 44 -2.94 5.52 20.70
N GLN A 45 -2.97 6.79 21.11
CA GLN A 45 -3.98 7.31 22.00
C GLN A 45 -4.59 8.54 21.38
N GLY A 46 -5.90 8.66 21.46
CA GLY A 46 -6.63 9.83 21.01
C GLY A 46 -7.09 10.63 22.19
N THR A 47 -8.03 11.60 22.00
CA THR A 47 -8.54 12.38 23.13
C THR A 47 -9.51 11.49 23.94
N ARG A 48 -9.06 11.03 25.12
CA ARG A 48 -9.79 10.14 26.03
C ARG A 48 -9.99 8.72 25.45
N THR A 49 -9.13 8.31 24.50
CA THR A 49 -9.20 7.00 23.86
C THR A 49 -7.79 6.40 23.67
N ASN A 50 -7.75 5.08 23.45
CA ASN A 50 -6.61 4.25 23.09
C ASN A 50 -7.03 3.48 21.84
N VAL A 51 -6.23 3.67 20.80
CA VAL A 51 -6.42 3.06 19.48
C VAL A 51 -5.66 1.72 19.42
N TYR A 52 -6.35 0.66 19.00
CA TYR A 52 -5.82 -0.68 18.86
C TYR A 52 -6.15 -1.27 17.49
N GLU A 53 -5.35 -2.28 17.09
CA GLU A 53 -5.63 -3.08 15.91
C GLU A 53 -6.63 -4.12 16.43
N GLY A 54 -7.53 -4.59 15.57
CA GLY A 54 -8.53 -5.54 16.02
C GLY A 54 -9.19 -6.43 15.00
N ARG A 55 -9.95 -7.40 15.52
CA ARG A 55 -10.68 -8.36 14.71
C ARG A 55 -12.15 -8.37 15.04
N LEU A 56 -12.98 -8.29 13.99
CA LEU A 56 -14.44 -8.31 14.06
C LEU A 56 -14.97 -9.63 13.46
N ARG A 57 -15.63 -10.49 14.28
CA ARG A 57 -16.20 -11.75 13.79
C ARG A 57 -17.56 -11.53 13.09
N GLU A 84 -13.90 -13.24 10.69
CA GLU A 84 -12.82 -12.51 11.38
C GLU A 84 -12.15 -11.43 10.47
N LEU A 85 -12.78 -10.20 10.42
CA LEU A 85 -12.38 -8.98 9.67
C LEU A 85 -11.43 -8.05 10.47
N ARG A 86 -10.50 -7.38 9.76
CA ARG A 86 -9.54 -6.48 10.38
C ARG A 86 -10.11 -5.06 10.50
N VAL A 87 -10.17 -4.62 11.76
CA VAL A 87 -10.71 -3.33 12.21
C VAL A 87 -9.72 -2.62 13.13
N VAL A 88 -10.12 -1.41 13.55
CA VAL A 88 -9.42 -0.53 14.47
CA VAL A 88 -9.40 -0.60 14.50
C VAL A 88 -10.40 -0.24 15.61
N LEU A 89 -10.00 -0.50 16.86
CA LEU A 89 -10.83 -0.29 18.02
C LEU A 89 -10.38 0.99 18.76
N LYS A 90 -11.33 1.94 18.93
CA LYS A 90 -11.13 3.19 19.68
C LYS A 90 -11.78 2.93 21.05
N VAL A 91 -10.95 2.57 22.02
CA VAL A 91 -11.40 2.22 23.35
C VAL A 91 -11.48 3.48 24.24
N LEU A 92 -12.72 3.92 24.54
CA LEU A 92 -12.96 5.08 25.34
C LEU A 92 -12.52 4.81 26.79
N ASP A 93 -11.89 5.82 27.39
CA ASP A 93 -11.38 5.80 28.73
C ASP A 93 -12.55 5.62 29.67
N PRO A 94 -12.36 5.23 30.95
CA PRO A 94 -13.51 5.21 31.90
C PRO A 94 -14.06 6.65 31.93
N SER A 95 -15.36 6.84 31.58
CA SER A 95 -15.96 8.15 31.35
C SER A 95 -17.32 8.39 31.94
N HIS A 96 -17.70 9.68 32.04
CA HIS A 96 -19.01 10.11 32.46
C HIS A 96 -19.98 10.01 31.31
N HIS A 97 -21.28 9.98 31.63
CA HIS A 97 -22.38 9.81 30.68
C HIS A 97 -22.39 10.84 29.57
N ASP A 98 -21.95 12.08 29.88
CA ASP A 98 -21.85 13.17 28.91
C ASP A 98 -20.75 12.95 27.92
N ILE A 99 -19.60 12.36 28.37
CA ILE A 99 -18.43 12.04 27.52
C ILE A 99 -18.78 10.89 26.55
N ALA A 100 -19.41 9.81 27.10
CA ALA A 100 -19.83 8.65 26.34
C ALA A 100 -20.86 9.02 25.29
N LEU A 101 -21.75 9.98 25.60
CA LEU A 101 -22.79 10.47 24.69
C LEU A 101 -22.20 11.21 23.48
N ALA A 102 -21.09 11.94 23.73
CA ALA A 102 -20.32 12.68 22.73
C ALA A 102 -19.61 11.67 21.81
N PHE A 103 -19.25 10.52 22.38
CA PHE A 103 -18.63 9.41 21.67
C PHE A 103 -19.64 8.78 20.73
N TYR A 104 -20.91 8.59 21.22
CA TYR A 104 -21.98 7.98 20.43
C TYR A 104 -22.39 8.92 19.32
N GLU A 105 -22.49 10.21 19.63
CA GLU A 105 -22.83 11.21 18.62
C GLU A 105 -21.85 11.14 17.44
N THR A 106 -20.55 10.96 17.72
CA THR A 106 -19.46 10.82 16.75
C THR A 106 -19.64 9.51 15.91
N ALA A 107 -19.96 8.40 16.58
CA ALA A 107 -20.25 7.13 15.91
C ALA A 107 -21.40 7.35 14.92
N SER A 108 -22.52 7.94 15.41
CA SER A 108 -23.70 8.29 14.63
C SER A 108 -23.38 9.11 13.39
N LEU A 109 -22.55 10.17 13.54
CA LEU A 109 -22.17 11.01 12.41
C LEU A 109 -21.60 10.14 11.30
N MET A 110 -20.53 9.38 11.62
CA MET A 110 -19.84 8.49 10.68
C MET A 110 -20.73 7.34 10.19
N SER A 111 -21.50 6.68 11.08
CA SER A 111 -22.42 5.60 10.76
C SER A 111 -23.45 6.02 9.71
N GLN A 112 -24.13 7.17 9.91
CA GLN A 112 -25.18 7.68 9.03
C GLN A 112 -24.63 8.45 7.79
N VAL A 113 -23.37 8.20 7.38
CA VAL A 113 -22.77 8.87 6.19
C VAL A 113 -22.04 7.86 5.32
N SER A 114 -21.74 8.24 4.07
CA SER A 114 -21.06 7.38 3.10
C SER A 114 -20.33 8.19 2.07
N HIS A 115 -19.00 8.12 2.09
CA HIS A 115 -18.14 8.81 1.14
C HIS A 115 -16.87 8.02 0.98
N THR A 116 -16.36 8.05 -0.26
CA THR A 116 -15.18 7.33 -0.73
C THR A 116 -13.94 7.72 0.12
N HIS A 117 -13.89 8.98 0.58
CA HIS A 117 -12.78 9.48 1.38
C HIS A 117 -13.14 9.69 2.88
N LEU A 118 -14.07 8.85 3.39
CA LEU A 118 -14.47 8.82 4.78
C LEU A 118 -14.32 7.39 5.29
N ALA A 119 -13.66 7.21 6.44
CA ALA A 119 -13.48 5.92 7.09
C ALA A 119 -14.84 5.41 7.53
N PHE A 120 -15.04 4.10 7.42
CA PHE A 120 -16.27 3.40 7.77
C PHE A 120 -16.28 3.11 9.27
N VAL A 121 -17.46 3.25 9.90
CA VAL A 121 -17.64 2.90 11.31
C VAL A 121 -18.60 1.72 11.33
N HIS A 122 -18.12 0.62 11.89
CA HIS A 122 -18.87 -0.63 11.99
C HIS A 122 -19.93 -0.55 13.10
N GLY A 123 -19.63 0.20 14.16
CA GLY A 123 -20.53 0.36 15.29
C GLY A 123 -19.77 0.60 16.58
N VAL A 124 -20.50 0.53 17.70
CA VAL A 124 -19.97 0.75 19.06
C VAL A 124 -20.34 -0.44 19.93
N CYS A 125 -19.39 -0.90 20.71
CA CYS A 125 -19.59 -1.95 21.68
C CYS A 125 -19.74 -1.27 23.03
N VAL A 126 -20.96 -1.35 23.61
CA VAL A 126 -21.30 -0.73 24.89
C VAL A 126 -21.58 -1.80 25.95
N ARG A 127 -20.57 -2.11 26.74
CA ARG A 127 -20.66 -3.10 27.80
C ARG A 127 -20.14 -2.52 29.08
N GLY A 128 -21.08 -2.30 29.99
CA GLY A 128 -20.83 -1.85 31.36
C GLY A 128 -20.06 -0.57 31.42
N PRO A 129 -18.81 -0.58 31.91
CA PRO A 129 -18.02 0.68 31.94
C PRO A 129 -17.28 0.94 30.63
N GLU A 130 -17.30 -0.05 29.70
CA GLU A 130 -16.58 0.00 28.44
C GLU A 130 -17.40 0.51 27.28
N ASN A 131 -16.73 1.31 26.43
CA ASN A 131 -17.24 1.92 25.20
C ASN A 131 -16.17 1.75 24.14
N ILE A 132 -16.46 0.98 23.08
CA ILE A 132 -15.47 0.71 22.03
C ILE A 132 -16.02 1.02 20.64
N MET A 133 -15.42 1.99 19.95
CA MET A 133 -15.85 2.23 18.58
C MET A 133 -15.07 1.28 17.69
N VAL A 134 -15.79 0.56 16.81
CA VAL A 134 -15.24 -0.39 15.85
C VAL A 134 -15.25 0.30 14.49
N THR A 135 -14.07 0.48 13.90
CA THR A 135 -13.91 1.24 12.65
C THR A 135 -13.04 0.53 11.60
N GLU A 136 -13.05 1.06 10.35
CA GLU A 136 -12.27 0.59 9.22
C GLU A 136 -10.76 0.68 9.50
N TYR A 137 -9.94 -0.37 9.21
CA TYR A 137 -8.48 -0.30 9.37
C TYR A 137 -8.01 0.19 8.02
N VAL A 138 -7.20 1.25 8.01
CA VAL A 138 -6.72 1.85 6.78
C VAL A 138 -5.23 1.51 6.74
N GLU A 139 -4.85 0.64 5.77
CA GLU A 139 -3.53 0.04 5.50
C GLU A 139 -2.32 0.82 6.01
N HIS A 140 -2.04 2.05 5.49
CA HIS A 140 -0.80 2.78 5.85
C HIS A 140 -0.91 3.76 7.02
N GLY A 141 -2.12 4.00 7.52
CA GLY A 141 -2.34 4.81 8.70
C GLY A 141 -2.22 6.31 8.57
N PRO A 142 -1.97 7.00 9.73
CA PRO A 142 -1.94 8.50 9.73
C PRO A 142 -1.00 9.17 8.75
N LEU A 143 -1.51 10.14 8.02
CA LEU A 143 -0.78 10.93 7.03
C LEU A 143 0.41 11.72 7.64
N ASP A 144 0.21 12.35 8.83
CA ASP A 144 1.23 13.19 9.46
C ASP A 144 2.52 12.42 9.67
N VAL A 145 2.39 11.19 10.20
CA VAL A 145 3.47 10.26 10.49
C VAL A 145 4.25 9.96 9.22
N TRP A 146 3.51 9.68 8.13
CA TRP A 146 4.08 9.39 6.83
C TRP A 146 4.80 10.58 6.20
N LEU A 147 4.19 11.77 6.26
CA LEU A 147 4.77 12.98 5.72
C LEU A 147 6.08 13.34 6.42
N ARG A 148 6.19 13.06 7.73
CA ARG A 148 7.39 13.33 8.51
C ARG A 148 8.48 12.34 8.20
N ARG A 149 8.10 11.09 7.91
CA ARG A 149 8.96 9.97 7.51
C ARG A 149 9.55 10.23 6.08
N GLU A 150 8.73 10.79 5.19
CA GLU A 150 9.08 11.06 3.80
C GLU A 150 9.44 12.52 3.52
N ARG A 151 9.72 13.30 4.59
CA ARG A 151 10.09 14.71 4.64
C ARG A 151 11.15 15.08 3.59
N GLY A 152 10.78 16.01 2.72
CA GLY A 152 11.63 16.50 1.63
C GLY A 152 11.47 15.75 0.33
N HIS A 153 10.79 14.60 0.37
CA HIS A 153 10.61 13.75 -0.80
C HIS A 153 9.14 13.55 -1.17
N VAL A 154 8.27 14.48 -0.69
CA VAL A 154 6.84 14.46 -1.00
C VAL A 154 6.55 15.59 -2.00
N PRO A 155 6.28 15.25 -3.29
CA PRO A 155 6.05 16.29 -4.31
C PRO A 155 4.73 17.02 -4.17
N MET A 156 4.71 18.26 -4.67
CA MET A 156 3.57 19.16 -4.63
C MET A 156 2.29 18.57 -5.22
N ALA A 157 2.38 17.87 -6.36
CA ALA A 157 1.24 17.22 -7.01
C ALA A 157 0.55 16.20 -6.06
N TRP A 158 1.36 15.38 -5.34
CA TRP A 158 0.92 14.42 -4.34
C TRP A 158 0.04 15.13 -3.28
N LYS A 159 0.56 16.26 -2.73
CA LYS A 159 -0.11 17.08 -1.71
C LYS A 159 -1.40 17.68 -2.24
N MET A 160 -1.46 18.06 -3.54
CA MET A 160 -2.66 18.63 -4.15
C MET A 160 -3.74 17.58 -4.20
N VAL A 161 -3.37 16.34 -4.56
CA VAL A 161 -4.31 15.22 -4.66
C VAL A 161 -4.96 15.01 -3.29
N VAL A 162 -4.15 14.89 -2.23
CA VAL A 162 -4.62 14.75 -0.84
C VAL A 162 -5.61 15.86 -0.49
N ALA A 163 -5.24 17.15 -0.81
CA ALA A 163 -6.04 18.35 -0.58
C ALA A 163 -7.39 18.26 -1.24
N GLN A 164 -7.43 17.91 -2.56
CA GLN A 164 -8.66 17.75 -3.34
C GLN A 164 -9.55 16.69 -2.71
N GLN A 165 -8.95 15.54 -2.33
CA GLN A 165 -9.65 14.43 -1.68
C GLN A 165 -10.23 14.82 -0.31
N LEU A 166 -9.46 15.56 0.49
CA LEU A 166 -9.90 16.04 1.80
C LEU A 166 -11.02 17.07 1.60
N ALA A 167 -10.85 18.01 0.64
CA ALA A 167 -11.87 19.02 0.34
C ALA A 167 -13.15 18.38 -0.18
N SER A 168 -13.05 17.26 -0.92
CA SER A 168 -14.21 16.55 -1.44
C SER A 168 -15.04 15.90 -0.31
N ALA A 169 -14.40 15.17 0.62
CA ALA A 169 -15.12 14.53 1.73
C ALA A 169 -15.74 15.57 2.63
N LEU A 170 -15.07 16.72 2.82
CA LEU A 170 -15.55 17.84 3.63
C LEU A 170 -16.65 18.63 2.92
N SER A 171 -16.70 18.58 1.58
CA SER A 171 -17.74 19.26 0.81
C SER A 171 -19.02 18.45 0.92
N TYR A 172 -18.89 17.11 1.00
CA TYR A 172 -19.99 16.16 1.15
C TYR A 172 -20.67 16.39 2.50
N LEU A 173 -19.87 16.61 3.58
CA LEU A 173 -20.43 16.86 4.92
C LEU A 173 -21.08 18.24 4.98
N GLU A 174 -20.58 19.19 4.15
CA GLU A 174 -21.11 20.54 4.04
C GLU A 174 -22.51 20.52 3.42
N ASN A 175 -22.69 19.82 2.28
CA ASN A 175 -23.97 19.72 1.60
C ASN A 175 -25.00 18.95 2.42
N LYS A 176 -24.56 18.28 3.50
CA LYS A 176 -25.42 17.54 4.41
C LYS A 176 -25.53 18.31 5.72
N ASN A 177 -24.86 19.49 5.81
CA ASN A 177 -24.81 20.37 6.99
C ASN A 177 -24.40 19.60 8.28
N LEU A 178 -23.28 18.83 8.17
CA LEU A 178 -22.70 18.02 9.23
C LEU A 178 -21.31 18.54 9.56
N VAL A 179 -20.95 18.54 10.84
CA VAL A 179 -19.65 19.03 11.31
C VAL A 179 -18.72 17.85 11.64
N HIS A 180 -17.49 17.85 11.08
CA HIS A 180 -16.48 16.83 11.42
C HIS A 180 -15.94 17.25 12.79
N GLY A 181 -15.31 18.43 12.84
CA GLY A 181 -14.81 19.04 14.07
C GLY A 181 -13.42 18.65 14.52
N ASN A 182 -12.72 17.83 13.70
CA ASN A 182 -11.36 17.37 13.99
C ASN A 182 -10.57 17.05 12.72
N VAL A 183 -10.52 18.01 11.80
CA VAL A 183 -9.74 17.86 10.57
C VAL A 183 -8.29 18.18 10.93
N CYS A 184 -7.42 17.16 10.94
CA CYS A 184 -5.98 17.30 11.16
C CYS A 184 -5.28 16.20 10.45
N GLY A 185 -3.96 16.31 10.33
CA GLY A 185 -3.12 15.33 9.67
C GLY A 185 -3.33 13.93 10.18
N ARG A 186 -3.38 13.78 11.52
CA ARG A 186 -3.55 12.50 12.22
C ARG A 186 -4.79 11.74 11.79
N ASN A 187 -5.89 12.48 11.54
CA ASN A 187 -7.21 11.94 11.19
C ASN A 187 -7.37 11.67 9.70
N ILE A 188 -6.32 11.89 8.87
CA ILE A 188 -6.27 11.56 7.45
C ILE A 188 -5.44 10.25 7.36
N LEU A 189 -6.06 9.20 6.86
CA LEU A 189 -5.42 7.91 6.78
C LEU A 189 -5.22 7.57 5.33
N LEU A 190 -4.04 7.03 5.03
CA LEU A 190 -3.59 6.66 3.68
C LEU A 190 -3.94 5.24 3.33
N ALA A 191 -4.92 5.09 2.47
CA ALA A 191 -5.29 3.75 2.01
C ALA A 191 -4.27 3.30 0.94
N ARG A 192 -3.89 4.20 0.03
CA ARG A 192 -2.95 3.98 -1.06
C ARG A 192 -1.89 5.10 -0.99
N LEU A 193 -0.59 4.75 -0.98
CA LEU A 193 0.47 5.76 -0.83
C LEU A 193 0.75 6.59 -2.10
N GLY A 194 0.42 6.06 -3.27
CA GLY A 194 0.65 6.72 -4.55
C GLY A 194 2.12 7.00 -4.81
N LEU A 195 2.99 6.02 -4.46
CA LEU A 195 4.47 6.10 -4.57
C LEU A 195 5.02 5.70 -5.95
N ALA A 196 4.33 4.79 -6.62
CA ALA A 196 4.65 4.26 -7.93
C ALA A 196 4.19 5.26 -9.00
N GLU A 197 4.93 5.39 -10.11
CA GLU A 197 4.60 6.29 -11.23
C GLU A 197 3.17 6.04 -11.66
N GLY A 198 2.47 7.10 -12.04
CA GLY A 198 1.08 6.99 -12.47
C GLY A 198 0.11 6.71 -11.35
N THR A 199 0.61 6.27 -10.16
CA THR A 199 -0.27 6.03 -9.03
C THR A 199 -0.32 7.29 -8.17
N SER A 200 -1.52 7.52 -7.67
CA SER A 200 -1.91 8.66 -6.85
C SER A 200 -2.23 8.20 -5.41
N PRO A 201 -2.07 9.06 -4.37
CA PRO A 201 -2.49 8.64 -3.02
C PRO A 201 -4.01 8.53 -2.90
N PHE A 202 -4.49 7.78 -1.92
CA PHE A 202 -5.92 7.67 -1.68
C PHE A 202 -6.14 7.76 -0.19
N ILE A 203 -6.68 8.88 0.29
CA ILE A 203 -6.91 9.12 1.72
C ILE A 203 -8.35 8.74 2.16
N LYS A 204 -8.52 8.55 3.49
CA LYS A 204 -9.77 8.28 4.19
C LYS A 204 -9.77 9.11 5.49
N LEU A 205 -10.76 10.00 5.67
CA LEU A 205 -10.87 10.82 6.88
C LEU A 205 -11.48 9.98 8.01
N SER A 206 -10.79 9.94 9.15
CA SER A 206 -11.14 9.18 10.35
C SER A 206 -12.29 9.86 11.07
N ASP A 207 -12.90 9.15 12.05
CA ASP A 207 -13.93 9.70 12.94
C ASP A 207 -13.26 10.85 13.75
N PRO A 208 -14.03 11.91 14.09
CA PRO A 208 -13.42 13.02 14.82
C PRO A 208 -13.11 12.73 16.32
N GLY A 209 -13.42 11.54 16.80
CA GLY A 209 -13.23 11.14 18.19
C GLY A 209 -14.30 11.73 19.06
N VAL A 210 -14.08 11.78 20.40
CA VAL A 210 -15.03 12.41 21.34
C VAL A 210 -15.36 13.81 20.82
N GLY A 211 -16.64 14.08 20.61
CA GLY A 211 -17.14 15.37 20.14
C GLY A 211 -16.52 16.52 20.90
N LEU A 212 -16.18 17.60 20.17
CA LEU A 212 -15.54 18.82 20.71
C LEU A 212 -16.28 19.46 21.89
N GLY A 213 -17.62 19.36 21.88
CA GLY A 213 -18.51 19.89 22.91
C GLY A 213 -18.23 19.35 24.31
N ALA A 214 -17.75 18.11 24.40
CA ALA A 214 -17.44 17.46 25.68
C ALA A 214 -16.00 17.71 26.15
N LEU A 215 -15.14 18.29 25.29
CA LEU A 215 -13.75 18.55 25.67
C LEU A 215 -13.62 19.74 26.63
N SER A 216 -12.57 19.68 27.51
CA SER A 216 -12.21 20.72 28.47
C SER A 216 -11.41 21.82 27.74
N ARG A 217 -11.17 22.97 28.38
CA ARG A 217 -10.42 24.05 27.73
C ARG A 217 -8.99 23.61 27.41
N GLU A 218 -8.32 22.97 28.40
CA GLU A 218 -6.97 22.42 28.29
C GLU A 218 -6.90 21.49 27.07
N GLU A 219 -7.95 20.66 26.86
CA GLU A 219 -8.04 19.72 25.73
C GLU A 219 -8.23 20.44 24.40
N ARG A 220 -9.04 21.49 24.40
CA ARG A 220 -9.30 22.33 23.23
C ARG A 220 -8.03 23.08 22.81
N VAL A 221 -7.30 23.64 23.80
CA VAL A 221 -6.02 24.32 23.59
C VAL A 221 -5.03 23.36 22.88
N GLU A 222 -4.95 22.08 23.31
CA GLU A 222 -4.07 21.08 22.67
C GLU A 222 -4.30 20.93 21.16
N ARG A 223 -5.52 21.24 20.66
CA ARG A 223 -5.89 21.14 19.24
C ARG A 223 -5.50 22.35 18.39
N ILE A 224 -4.83 23.37 18.99
CA ILE A 224 -4.26 24.53 18.31
C ILE A 224 -3.02 23.96 17.60
N PRO A 225 -2.83 24.22 16.30
CA PRO A 225 -3.52 25.19 15.43
C PRO A 225 -4.75 24.71 14.66
N TRP A 226 -5.12 23.41 14.73
CA TRP A 226 -6.26 22.87 13.97
C TRP A 226 -7.62 23.35 14.46
N LEU A 227 -7.78 23.53 15.78
CA LEU A 227 -8.98 24.03 16.46
C LEU A 227 -9.36 25.42 15.92
N ALA A 228 -10.67 25.64 15.57
CA ALA A 228 -11.18 26.96 15.11
C ALA A 228 -11.16 27.90 16.33
N PRO A 229 -10.61 29.14 16.22
CA PRO A 229 -10.49 29.99 17.43
C PRO A 229 -11.80 30.29 18.15
N GLU A 230 -12.94 30.28 17.44
CA GLU A 230 -14.27 30.49 18.01
C GLU A 230 -14.68 29.32 18.93
N CYS A 231 -13.98 28.18 18.81
CA CYS A 231 -14.26 27.03 19.65
C CYS A 231 -13.48 27.05 20.93
N LEU A 232 -12.52 27.97 21.08
CA LEU A 232 -11.70 28.06 22.29
C LEU A 232 -12.56 28.41 23.54
N PRO A 233 -13.39 29.49 23.52
CA PRO A 233 -14.27 29.72 24.68
C PRO A 233 -15.43 28.70 24.69
N GLY A 234 -15.89 28.31 25.88
CA GLY A 234 -17.01 27.39 26.07
C GLY A 234 -16.82 26.00 25.47
N SER A 240 -20.93 25.09 14.29
CA SER A 240 -21.03 25.49 12.88
C SER A 240 -20.08 24.69 12.01
N THR A 241 -20.45 24.49 10.70
CA THR A 241 -19.65 23.80 9.67
C THR A 241 -18.48 24.69 9.26
N ALA A 242 -18.51 25.98 9.71
CA ALA A 242 -17.46 26.98 9.47
C ALA A 242 -16.15 26.58 10.15
N MET A 243 -16.23 25.79 11.24
CA MET A 243 -15.06 25.35 11.99
C MET A 243 -14.14 24.43 11.15
N ASP A 244 -14.73 23.52 10.32
CA ASP A 244 -13.96 22.60 9.46
C ASP A 244 -13.17 23.31 8.36
N LYS A 245 -13.54 24.55 8.01
CA LYS A 245 -12.77 25.32 7.03
C LYS A 245 -11.44 25.75 7.65
N TRP A 246 -11.43 26.08 8.98
CA TRP A 246 -10.19 26.43 9.68
C TRP A 246 -9.31 25.14 9.78
N GLY A 247 -9.92 24.02 10.21
CA GLY A 247 -9.27 22.71 10.33
C GLY A 247 -8.62 22.29 9.02
N PHE A 248 -9.38 22.41 7.92
CA PHE A 248 -8.91 22.16 6.58
C PHE A 248 -7.70 23.07 6.24
N GLY A 249 -7.79 24.36 6.55
CA GLY A 249 -6.70 25.32 6.34
C GLY A 249 -5.43 24.98 7.11
N ALA A 250 -5.55 24.71 8.42
CA ALA A 250 -4.42 24.34 9.28
C ALA A 250 -3.79 23.00 8.85
N THR A 251 -4.59 22.06 8.34
CA THR A 251 -4.14 20.76 7.84
C THR A 251 -3.39 20.97 6.51
N LEU A 252 -3.89 21.89 5.66
CA LEU A 252 -3.25 22.24 4.41
C LEU A 252 -1.85 22.76 4.68
N LEU A 253 -1.63 23.51 5.79
CA LEU A 253 -0.30 23.99 6.19
C LEU A 253 0.59 22.87 6.67
N GLU A 254 0.03 21.94 7.49
CA GLU A 254 0.70 20.77 8.05
C GLU A 254 1.19 19.87 6.90
N ILE A 255 0.37 19.71 5.84
CA ILE A 255 0.71 18.95 4.65
C ILE A 255 1.90 19.60 3.96
N CYS A 256 1.83 20.92 3.77
CA CYS A 256 2.88 21.68 3.12
C CYS A 256 4.19 21.62 3.87
N PHE A 257 4.14 21.73 5.21
CA PHE A 257 5.33 21.72 6.04
C PHE A 257 5.77 20.30 6.45
N ASP A 258 5.40 19.32 5.60
CA ASP A 258 5.70 17.89 5.66
C ASP A 258 5.43 17.26 7.04
N GLY A 259 4.21 17.46 7.51
CA GLY A 259 3.74 16.88 8.76
C GLY A 259 4.17 17.62 10.01
N GLU A 260 4.68 18.85 9.86
CA GLU A 260 5.12 19.74 10.94
C GLU A 260 4.23 21.01 10.97
N ALA A 261 3.11 20.95 11.72
CA ALA A 261 2.17 22.08 11.85
C ALA A 261 2.75 23.23 12.71
N PRO A 262 2.47 24.50 12.34
CA PRO A 262 2.96 25.61 13.19
C PRO A 262 2.31 25.58 14.58
N LEU A 263 3.08 25.93 15.61
CA LEU A 263 2.67 26.01 17.02
C LEU A 263 2.68 24.68 17.73
N GLN A 264 2.78 23.54 16.99
CA GLN A 264 2.79 22.17 17.55
C GLN A 264 3.83 21.99 18.68
N SER A 265 4.99 22.58 18.50
CA SER A 265 6.09 22.57 19.46
C SER A 265 5.82 23.50 20.67
N ARG A 266 5.23 24.72 20.41
CA ARG A 266 4.94 25.77 21.39
C ARG A 266 4.11 25.23 22.62
N SER A 267 4.24 25.88 23.82
CA SER A 267 3.57 25.49 25.09
C SER A 267 2.05 25.74 25.07
N PRO A 268 1.21 25.16 25.99
CA PRO A 268 -0.24 25.42 25.91
C PRO A 268 -0.58 26.89 26.09
N SER A 269 0.17 27.60 26.95
CA SER A 269 -0.02 29.02 27.21
C SER A 269 0.37 29.84 25.98
N GLU A 270 1.51 29.48 25.31
CA GLU A 270 1.96 30.12 24.06
C GLU A 270 0.88 29.96 22.97
N LYS A 271 0.29 28.75 22.87
CA LYS A 271 -0.78 28.40 21.94
C LYS A 271 -2.07 29.17 22.24
N GLU A 272 -2.49 29.21 23.52
CA GLU A 272 -3.66 29.96 23.94
C GLU A 272 -3.50 31.46 23.63
N HIS A 273 -2.30 31.99 23.95
CA HIS A 273 -1.92 33.39 23.72
C HIS A 273 -2.07 33.80 22.26
N PHE A 274 -1.65 32.92 21.32
CA PHE A 274 -1.71 33.14 19.87
C PHE A 274 -3.14 33.40 19.39
N TYR A 275 -4.12 32.67 19.96
CA TYR A 275 -5.53 32.80 19.60
C TYR A 275 -6.15 34.00 20.27
N GLN A 276 -5.81 34.20 21.58
CA GLN A 276 -6.29 35.33 22.38
C GLN A 276 -5.86 36.65 21.74
N ARG A 277 -4.56 36.76 21.36
CA ARG A 277 -4.01 37.96 20.72
C ARG A 277 -4.36 38.10 19.23
N GLN A 278 -5.21 37.19 18.71
CA GLN A 278 -5.75 37.14 17.33
C GLN A 278 -4.68 37.03 16.21
N HIS A 279 -3.48 36.49 16.56
CA HIS A 279 -2.35 36.31 15.65
C HIS A 279 -2.69 35.35 14.50
N ARG A 280 -2.07 35.52 13.32
CA ARG A 280 -2.38 34.62 12.22
C ARG A 280 -1.25 33.64 11.92
N LEU A 281 -1.63 32.43 11.46
CA LEU A 281 -0.71 31.33 11.17
C LEU A 281 0.14 31.64 9.96
N PRO A 282 1.39 31.06 9.90
CA PRO A 282 2.28 31.29 8.75
C PRO A 282 1.69 30.97 7.38
N GLU A 283 2.35 31.51 6.37
CA GLU A 283 2.00 31.33 4.97
C GLU A 283 2.58 30.00 4.48
N PRO A 284 1.83 29.23 3.66
CA PRO A 284 2.40 27.97 3.14
C PRO A 284 3.59 28.21 2.19
N SER A 285 4.57 27.26 2.16
CA SER A 285 5.76 27.37 1.30
C SER A 285 5.38 27.44 -0.20
N CYS A 286 4.37 26.64 -0.61
CA CYS A 286 3.82 26.57 -1.97
C CYS A 286 2.80 27.70 -2.19
N PRO A 287 3.09 28.67 -3.08
CA PRO A 287 2.15 29.80 -3.28
C PRO A 287 0.80 29.43 -3.93
N GLN A 288 0.61 28.14 -4.30
CA GLN A 288 -0.66 27.66 -4.87
C GLN A 288 -1.77 27.62 -3.81
N LEU A 289 -1.41 27.27 -2.58
CA LEU A 289 -2.34 27.16 -1.49
C LEU A 289 -2.39 28.40 -0.59
N ALA A 290 -1.48 29.36 -0.84
CA ALA A 290 -1.33 30.60 -0.10
C ALA A 290 -2.60 31.44 0.07
N THR A 291 -3.40 31.56 -1.01
CA THR A 291 -4.64 32.34 -1.03
C THR A 291 -5.70 31.57 -0.25
N LEU A 292 -5.89 30.30 -0.62
CA LEU A 292 -6.84 29.38 -0.01
C LEU A 292 -6.68 29.30 1.52
N THR A 293 -5.44 29.07 2.03
CA THR A 293 -5.18 28.99 3.48
C THR A 293 -5.47 30.32 4.19
N SER A 294 -5.12 31.46 3.56
CA SER A 294 -5.37 32.78 4.15
C SER A 294 -6.89 33.04 4.24
N GLN A 295 -7.65 32.54 3.24
CA GLN A 295 -9.10 32.68 3.18
C GLN A 295 -9.75 31.80 4.24
N CYS A 296 -9.15 30.62 4.49
CA CYS A 296 -9.65 29.62 5.44
C CYS A 296 -9.32 29.92 6.89
N LEU A 297 -8.13 30.48 7.13
CA LEU A 297 -7.59 30.72 8.46
C LEU A 297 -7.80 32.17 8.92
N THR A 298 -9.05 32.62 8.79
CA THR A 298 -9.56 33.90 9.22
C THR A 298 -10.31 33.67 10.54
N TYR A 299 -10.26 34.66 11.45
CA TYR A 299 -10.94 34.52 12.73
C TYR A 299 -12.45 34.78 12.65
N GLU A 300 -12.92 35.33 11.48
CA GLU A 300 -14.33 35.59 11.23
C GLU A 300 -14.96 34.36 10.53
N PRO A 301 -15.71 33.50 11.27
CA PRO A 301 -16.27 32.27 10.65
C PRO A 301 -17.03 32.45 9.34
N THR A 302 -17.75 33.58 9.20
CA THR A 302 -18.54 33.91 8.00
C THR A 302 -17.66 34.27 6.77
N GLN A 303 -16.41 34.71 7.04
CA GLN A 303 -15.44 35.08 5.99
C GLN A 303 -14.70 33.87 5.33
N ARG A 304 -14.95 32.63 5.82
CA ARG A 304 -14.33 31.40 5.30
C ARG A 304 -15.05 30.89 4.06
N PRO A 305 -14.33 30.49 2.97
CA PRO A 305 -15.02 29.96 1.76
C PRO A 305 -15.81 28.69 1.99
N SER A 306 -16.74 28.37 1.09
CA SER A 306 -17.51 27.12 1.17
C SER A 306 -16.61 26.03 0.59
N PHE A 307 -16.85 24.77 0.92
CA PHE A 307 -16.03 23.70 0.36
C PHE A 307 -16.27 23.53 -1.14
N ARG A 308 -17.46 23.98 -1.63
CA ARG A 308 -17.83 24.04 -3.04
C ARG A 308 -16.83 24.96 -3.76
N THR A 309 -16.56 26.14 -3.17
CA THR A 309 -15.60 27.13 -3.67
C THR A 309 -14.18 26.55 -3.63
N ILE A 310 -13.75 26.04 -2.46
CA ILE A 310 -12.43 25.44 -2.21
C ILE A 310 -12.13 24.35 -3.24
N LEU A 311 -13.11 23.44 -3.46
CA LEU A 311 -13.02 22.33 -4.42
C LEU A 311 -12.80 22.82 -5.86
N ARG A 312 -13.44 23.95 -6.23
CA ARG A 312 -13.31 24.62 -7.54
C ARG A 312 -11.89 25.19 -7.67
N ASP A 313 -11.47 26.02 -6.69
CA ASP A 313 -10.16 26.66 -6.59
C ASP A 313 -9.00 25.66 -6.64
N LEU A 314 -9.19 24.43 -6.08
CA LEU A 314 -8.18 23.37 -6.06
C LEU A 314 -7.92 22.77 -7.43
N THR A 315 -8.96 22.78 -8.29
CA THR A 315 -8.88 22.25 -9.65
C THR A 315 -8.56 23.39 -10.68
N ARG A 316 -8.00 24.52 -10.17
CA ARG A 316 -7.58 25.71 -10.94
C ARG A 316 -6.26 26.33 -10.44
N LEU A 317 -5.87 26.04 -9.17
CA LEU A 317 -4.66 26.53 -8.48
C LEU A 317 -4.34 25.66 -7.25
N SER B 28 22.92 -4.69 -24.08
CA SER B 28 23.40 -4.65 -22.70
C SER B 28 22.45 -3.83 -21.80
N PHE B 29 22.97 -3.21 -20.70
CA PHE B 29 22.25 -2.45 -19.67
C PHE B 29 22.83 -1.03 -19.42
N HIS B 30 21.97 -0.11 -18.94
CA HIS B 30 22.36 1.26 -18.61
C HIS B 30 23.13 1.31 -17.27
N ARG B 31 24.13 2.20 -17.18
CA ARG B 31 24.94 2.36 -15.98
C ARG B 31 24.37 3.45 -15.08
N VAL B 32 24.35 3.20 -13.76
CA VAL B 32 23.80 4.12 -12.78
C VAL B 32 24.89 4.45 -11.76
N ASP B 33 25.17 5.73 -11.54
CA ASP B 33 26.14 6.17 -10.55
C ASP B 33 25.52 6.06 -9.15
N GLN B 34 26.39 5.79 -8.17
CA GLN B 34 26.07 5.67 -6.76
C GLN B 34 25.31 6.93 -6.25
N LYS B 35 25.74 8.13 -6.70
CA LYS B 35 25.17 9.42 -6.34
C LYS B 35 23.66 9.52 -6.61
N GLU B 36 23.19 9.01 -7.77
CA GLU B 36 21.78 9.04 -8.17
C GLU B 36 20.83 8.12 -7.33
N ILE B 37 21.36 7.14 -6.55
CA ILE B 37 20.46 6.24 -5.82
C ILE B 37 20.49 6.42 -4.30
N THR B 38 19.30 6.29 -3.69
CA THR B 38 19.09 6.35 -2.25
C THR B 38 18.47 5.04 -1.82
N GLN B 39 19.11 4.33 -0.87
CA GLN B 39 18.61 3.06 -0.32
C GLN B 39 17.69 3.34 0.87
N LEU B 40 16.53 2.73 0.86
CA LEU B 40 15.55 2.88 1.91
C LEU B 40 15.33 1.52 2.57
N SER B 41 14.12 1.23 3.08
CA SER B 41 13.75 0.01 3.79
C SER B 41 13.96 -1.28 2.99
N HIS B 42 14.38 -2.36 3.68
CA HIS B 42 14.62 -3.73 3.21
C HIS B 42 13.28 -4.41 3.00
N LEU B 43 13.07 -5.04 1.82
CA LEU B 43 11.82 -5.72 1.44
C LEU B 43 11.99 -7.23 1.49
N GLY B 44 13.22 -7.68 1.39
CA GLY B 44 13.50 -9.09 1.45
C GLY B 44 14.81 -9.47 0.84
N GLN B 45 15.04 -10.76 0.70
CA GLN B 45 16.27 -11.31 0.14
C GLN B 45 15.95 -12.24 -0.98
N GLY B 46 16.70 -12.15 -2.06
CA GLY B 46 16.57 -13.06 -3.19
C GLY B 46 17.72 -14.03 -3.20
N THR B 47 17.93 -14.72 -4.34
CA THR B 47 19.07 -15.64 -4.44
C THR B 47 20.37 -14.81 -4.63
N ARG B 48 21.17 -14.72 -3.54
CA ARG B 48 22.42 -13.95 -3.49
C ARG B 48 22.19 -12.42 -3.56
N THR B 49 20.98 -11.95 -3.20
CA THR B 49 20.61 -10.54 -3.21
C THR B 49 19.76 -10.16 -1.98
N ASN B 50 19.72 -8.85 -1.70
CA ASN B 50 18.90 -8.17 -0.70
C ASN B 50 18.15 -7.08 -1.44
N VAL B 51 16.83 -7.15 -1.35
CA VAL B 51 15.89 -6.25 -2.00
C VAL B 51 15.55 -5.10 -1.05
N TYR B 52 15.68 -3.86 -1.54
CA TYR B 52 15.39 -2.63 -0.80
C TYR B 52 14.48 -1.70 -1.59
N GLU B 53 13.78 -0.85 -0.89
CA GLU B 53 12.98 0.20 -1.48
C GLU B 53 14.02 1.32 -1.71
N GLY B 54 13.77 2.22 -2.63
CA GLY B 54 14.73 3.27 -2.89
C GLY B 54 14.22 4.39 -3.76
N ARG B 55 15.13 5.33 -4.03
CA ARG B 55 14.86 6.51 -4.84
C ARG B 55 15.92 6.65 -5.90
N LEU B 56 15.53 7.16 -7.08
CA LEU B 56 16.45 7.41 -8.17
C LEU B 56 16.25 8.83 -8.72
N ARG B 57 17.34 9.60 -8.85
CA ARG B 57 17.29 10.95 -9.43
C ARG B 57 17.31 10.86 -10.96
N VAL B 58 16.25 11.37 -11.61
CA VAL B 58 16.08 11.35 -13.06
C VAL B 58 15.77 12.76 -13.59
N GLN B 83 13.31 15.64 -10.28
CA GLN B 83 12.40 14.49 -10.29
C GLN B 83 13.03 13.16 -9.78
N GLU B 84 12.53 12.71 -8.63
CA GLU B 84 12.91 11.45 -7.98
C GLU B 84 11.92 10.38 -8.34
N LEU B 85 12.40 9.15 -8.55
CA LEU B 85 11.51 8.03 -8.83
C LEU B 85 11.62 7.01 -7.73
N ARG B 86 10.52 6.33 -7.39
CA ARG B 86 10.57 5.27 -6.37
C ARG B 86 11.10 4.01 -7.09
N VAL B 87 12.28 3.54 -6.69
CA VAL B 87 12.85 2.36 -7.29
C VAL B 87 12.91 1.19 -6.27
N VAL B 88 13.29 0.01 -6.74
CA VAL B 88 13.56 -1.17 -5.93
C VAL B 88 15.01 -1.52 -6.30
N LEU B 89 15.88 -1.61 -5.29
CA LEU B 89 17.30 -1.91 -5.46
C LEU B 89 17.57 -3.38 -5.07
N LYS B 90 18.16 -4.14 -5.99
CA LYS B 90 18.51 -5.57 -5.76
C LYS B 90 19.99 -5.54 -5.64
N VAL B 91 20.45 -5.57 -4.39
CA VAL B 91 21.86 -5.47 -4.01
C VAL B 91 22.50 -6.86 -4.00
N LEU B 92 23.37 -7.12 -4.99
CA LEU B 92 24.06 -8.41 -5.10
C LEU B 92 25.08 -8.57 -3.97
N ASP B 93 25.24 -9.80 -3.45
CA ASP B 93 26.18 -10.12 -2.37
C ASP B 93 27.57 -9.96 -2.93
N PRO B 94 28.63 -9.81 -2.08
CA PRO B 94 30.00 -9.82 -2.62
C PRO B 94 30.14 -11.13 -3.40
N SER B 95 30.47 -11.03 -4.72
CA SER B 95 30.45 -12.18 -5.65
C SER B 95 31.63 -12.28 -6.59
N HIS B 96 31.78 -13.48 -7.18
CA HIS B 96 32.77 -13.75 -8.22
C HIS B 96 32.27 -13.24 -9.55
N HIS B 97 33.20 -13.05 -10.50
CA HIS B 97 32.98 -12.52 -11.84
C HIS B 97 31.93 -13.26 -12.61
N ASP B 98 31.82 -14.60 -12.41
CA ASP B 98 30.83 -15.46 -13.06
C ASP B 98 29.44 -15.22 -12.53
N ILE B 99 29.31 -14.95 -11.21
CA ILE B 99 28.03 -14.66 -10.54
C ILE B 99 27.51 -13.28 -10.98
N ALA B 100 28.39 -12.27 -10.95
CA ALA B 100 28.12 -10.89 -11.34
C ALA B 100 27.72 -10.81 -12.79
N LEU B 101 28.34 -11.63 -13.66
CA LEU B 101 28.05 -11.68 -15.10
C LEU B 101 26.63 -12.20 -15.37
N ALA B 102 26.18 -13.17 -14.53
CA ALA B 102 24.85 -13.76 -14.56
C ALA B 102 23.83 -12.71 -14.14
N PHE B 103 24.26 -11.80 -13.25
CA PHE B 103 23.48 -10.67 -12.77
C PHE B 103 23.29 -9.66 -13.90
N TYR B 104 24.38 -9.36 -14.64
CA TYR B 104 24.37 -8.40 -15.77
C TYR B 104 23.54 -8.96 -16.89
N GLU B 105 23.70 -10.24 -17.19
CA GLU B 105 22.93 -10.88 -18.24
C GLU B 105 21.44 -10.71 -17.98
N THR B 106 21.01 -10.84 -16.69
CA THR B 106 19.62 -10.68 -16.21
C THR B 106 19.16 -9.21 -16.43
N ALA B 107 20.02 -8.24 -16.06
CA ALA B 107 19.76 -6.81 -16.27
C ALA B 107 19.51 -6.58 -17.77
N SER B 108 20.42 -7.08 -18.64
CA SER B 108 20.35 -7.02 -20.10
C SER B 108 19.05 -7.60 -20.64
N LEU B 109 18.63 -8.78 -20.16
CA LEU B 109 17.37 -9.40 -20.61
C LEU B 109 16.22 -8.38 -20.41
N MET B 110 16.06 -7.90 -19.17
CA MET B 110 15.03 -6.97 -18.73
C MET B 110 15.17 -5.55 -19.33
N SER B 111 16.40 -5.07 -19.54
CA SER B 111 16.70 -3.78 -20.16
C SER B 111 16.30 -3.78 -21.64
N GLN B 112 16.72 -4.79 -22.41
CA GLN B 112 16.47 -4.90 -23.85
C GLN B 112 15.07 -5.46 -24.23
N VAL B 113 14.08 -5.38 -23.32
CA VAL B 113 12.70 -5.85 -23.59
C VAL B 113 11.68 -4.80 -23.13
N SER B 114 10.44 -4.93 -23.60
CA SER B 114 9.37 -3.99 -23.27
C SER B 114 8.04 -4.67 -23.39
N HIS B 115 7.36 -4.82 -22.25
CA HIS B 115 6.04 -5.42 -22.18
C HIS B 115 5.33 -4.85 -20.99
N THR B 116 4.03 -4.66 -21.18
CA THR B 116 3.10 -4.06 -20.25
C THR B 116 3.10 -4.86 -18.91
N HIS B 117 3.32 -6.19 -18.97
CA HIS B 117 3.35 -7.04 -17.80
C HIS B 117 4.78 -7.53 -17.42
N LEU B 118 5.80 -6.71 -17.73
CA LEU B 118 7.18 -6.93 -17.38
C LEU B 118 7.69 -5.70 -16.61
N ALA B 119 8.33 -5.92 -15.45
CA ALA B 119 8.93 -4.86 -14.66
C ALA B 119 10.11 -4.28 -15.44
N PHE B 120 10.28 -2.95 -15.36
CA PHE B 120 11.32 -2.17 -16.01
C PHE B 120 12.62 -2.22 -15.22
N VAL B 121 13.76 -2.30 -15.91
CA VAL B 121 15.09 -2.26 -15.30
C VAL B 121 15.74 -0.92 -15.74
N HIS B 122 16.03 -0.07 -14.77
CA HIS B 122 16.62 1.25 -14.98
C HIS B 122 18.11 1.12 -15.31
N GLY B 123 18.74 0.11 -14.74
CA GLY B 123 20.16 -0.11 -14.95
C GLY B 123 20.82 -0.77 -13.75
N VAL B 124 22.16 -0.81 -13.76
CA VAL B 124 22.97 -1.44 -12.71
C VAL B 124 24.00 -0.43 -12.26
N CYS B 125 24.27 -0.40 -10.95
CA CYS B 125 25.30 0.43 -10.30
C CYS B 125 26.37 -0.50 -9.69
N VAL B 126 27.67 -0.27 -10.00
CA VAL B 126 28.82 -1.10 -9.52
C VAL B 126 29.63 -0.43 -8.36
N ARG B 127 29.12 -0.58 -7.11
CA ARG B 127 29.63 0.01 -5.84
C ARG B 127 30.47 -0.96 -4.92
N GLY B 128 31.82 -0.91 -5.06
CA GLY B 128 32.81 -1.71 -4.33
C GLY B 128 32.64 -3.20 -4.55
N PRO B 129 32.29 -3.98 -3.49
CA PRO B 129 32.05 -5.41 -3.70
C PRO B 129 30.61 -5.71 -4.15
N GLU B 130 29.74 -4.68 -4.09
CA GLU B 130 28.31 -4.79 -4.43
C GLU B 130 27.97 -4.26 -5.81
N ASN B 131 26.99 -4.91 -6.43
CA ASN B 131 26.40 -4.54 -7.70
C ASN B 131 24.96 -4.31 -7.32
N ILE B 132 24.34 -3.28 -7.91
CA ILE B 132 22.98 -2.93 -7.56
C ILE B 132 22.12 -2.82 -8.78
N MET B 133 21.13 -3.69 -8.90
CA MET B 133 20.21 -3.55 -10.01
C MET B 133 19.13 -2.55 -9.55
N VAL B 134 18.85 -1.53 -10.37
CA VAL B 134 17.84 -0.50 -10.12
C VAL B 134 16.66 -0.86 -11.00
N THR B 135 15.56 -1.27 -10.34
CA THR B 135 14.33 -1.76 -10.96
C THR B 135 13.07 -0.91 -10.66
N GLU B 136 12.00 -1.14 -11.44
CA GLU B 136 10.71 -0.48 -11.26
C GLU B 136 10.10 -0.81 -9.88
N TYR B 137 9.59 0.20 -9.18
CA TYR B 137 8.86 0.00 -7.93
C TYR B 137 7.41 -0.21 -8.38
N VAL B 138 6.82 -1.34 -7.97
CA VAL B 138 5.44 -1.74 -8.27
C VAL B 138 4.65 -1.48 -6.94
N GLU B 139 3.44 -0.80 -7.01
CA GLU B 139 2.68 -0.43 -5.81
C GLU B 139 2.59 -1.51 -4.73
N HIS B 140 2.00 -2.66 -5.04
CA HIS B 140 1.65 -3.63 -4.03
C HIS B 140 2.65 -4.80 -3.81
N GLY B 141 3.79 -4.80 -4.49
CA GLY B 141 4.79 -5.85 -4.30
C GLY B 141 4.40 -7.27 -4.69
N PRO B 142 5.12 -8.26 -4.10
CA PRO B 142 4.90 -9.67 -4.45
C PRO B 142 3.48 -10.22 -4.26
N LEU B 143 3.03 -11.03 -5.25
CA LEU B 143 1.73 -11.68 -5.32
C LEU B 143 1.53 -12.78 -4.25
N ASP B 144 2.58 -13.59 -3.99
CA ASP B 144 2.47 -14.71 -3.06
C ASP B 144 2.06 -14.23 -1.68
N VAL B 145 2.72 -13.17 -1.20
CA VAL B 145 2.52 -12.51 0.08
C VAL B 145 1.06 -12.07 0.21
N TRP B 146 0.56 -11.41 -0.83
CA TRP B 146 -0.79 -10.91 -0.91
C TRP B 146 -1.82 -12.01 -0.95
N LEU B 147 -1.60 -13.06 -1.77
CA LEU B 147 -2.52 -14.18 -1.87
C LEU B 147 -2.67 -14.92 -0.53
N ARG B 148 -1.57 -15.01 0.27
CA ARG B 148 -1.57 -15.65 1.58
C ARG B 148 -2.28 -14.82 2.60
N ARG B 149 -2.16 -13.49 2.49
CA ARG B 149 -2.80 -12.48 3.34
C ARG B 149 -4.33 -12.46 3.06
N GLU B 150 -4.73 -12.63 1.80
CA GLU B 150 -6.12 -12.59 1.34
C GLU B 150 -6.74 -13.97 1.12
N ARG B 151 -6.10 -15.02 1.66
CA ARG B 151 -6.44 -16.44 1.62
C ARG B 151 -7.93 -16.69 1.90
N GLY B 152 -8.61 -17.28 0.94
CA GLY B 152 -10.03 -17.59 1.01
C GLY B 152 -10.96 -16.49 0.50
N HIS B 153 -10.41 -15.31 0.24
CA HIS B 153 -11.16 -14.16 -0.23
C HIS B 153 -10.69 -13.69 -1.63
N VAL B 154 -9.98 -14.58 -2.37
CA VAL B 154 -9.49 -14.28 -3.72
C VAL B 154 -10.33 -15.09 -4.72
N PRO B 155 -11.22 -14.41 -5.48
CA PRO B 155 -12.09 -15.13 -6.43
C PRO B 155 -11.38 -15.67 -7.67
N MET B 156 -11.95 -16.74 -8.25
CA MET B 156 -11.44 -17.45 -9.41
C MET B 156 -11.18 -16.54 -10.62
N ALA B 157 -12.10 -15.59 -10.90
CA ALA B 157 -11.96 -14.66 -12.03
C ALA B 157 -10.67 -13.84 -11.88
N TRP B 158 -10.38 -13.34 -10.64
CA TRP B 158 -9.18 -12.59 -10.29
C TRP B 158 -7.92 -13.39 -10.69
N LYS B 159 -7.87 -14.68 -10.31
CA LYS B 159 -6.78 -15.60 -10.60
C LYS B 159 -6.63 -15.87 -12.08
N MET B 160 -7.75 -15.91 -12.80
CA MET B 160 -7.76 -16.14 -14.25
C MET B 160 -7.17 -14.94 -15.00
N VAL B 161 -7.41 -13.72 -14.51
CA VAL B 161 -6.87 -12.47 -15.07
C VAL B 161 -5.36 -12.49 -14.91
N VAL B 162 -4.87 -12.76 -13.70
CA VAL B 162 -3.43 -12.89 -13.38
C VAL B 162 -2.74 -13.88 -14.34
N ALA B 163 -3.35 -15.09 -14.52
CA ALA B 163 -2.89 -16.17 -15.39
C ALA B 163 -2.73 -15.71 -16.82
N GLN B 164 -3.77 -15.06 -17.38
CA GLN B 164 -3.77 -14.52 -18.76
C GLN B 164 -2.66 -13.51 -18.92
N GLN B 165 -2.51 -12.60 -17.92
CA GLN B 165 -1.46 -11.58 -17.93
C GLN B 165 -0.05 -12.17 -17.86
N LEU B 166 0.14 -13.19 -17.00
CA LEU B 166 1.41 -13.89 -16.87
C LEU B 166 1.71 -14.65 -18.18
N ALA B 167 0.70 -15.34 -18.74
CA ALA B 167 0.89 -16.06 -20.01
C ALA B 167 1.21 -15.11 -21.15
N SER B 168 0.62 -13.92 -21.11
CA SER B 168 0.85 -12.87 -22.07
C SER B 168 2.34 -12.45 -22.11
N ALA B 169 2.90 -12.02 -20.95
CA ALA B 169 4.30 -11.56 -20.86
C ALA B 169 5.27 -12.66 -21.21
N LEU B 170 4.93 -13.92 -20.86
CA LEU B 170 5.75 -15.09 -21.15
C LEU B 170 5.65 -15.52 -22.63
N SER B 171 4.54 -15.14 -23.30
CA SER B 171 4.37 -15.42 -24.73
C SER B 171 5.24 -14.44 -25.53
N TYR B 172 5.40 -13.22 -25.02
CA TYR B 172 6.21 -12.15 -25.60
C TYR B 172 7.68 -12.58 -25.56
N LEU B 173 8.14 -13.19 -24.46
CA LEU B 173 9.53 -13.65 -24.33
C LEU B 173 9.76 -14.86 -25.22
N GLU B 174 8.69 -15.65 -25.46
CA GLU B 174 8.72 -16.83 -26.33
C GLU B 174 8.95 -16.41 -27.77
N ASN B 175 8.16 -15.45 -28.28
CA ASN B 175 8.26 -14.93 -29.66
C ASN B 175 9.59 -14.22 -29.91
N LYS B 176 10.35 -13.92 -28.83
CA LYS B 176 11.66 -13.29 -28.90
C LYS B 176 12.73 -14.33 -28.57
N ASN B 177 12.31 -15.59 -28.29
CA ASN B 177 13.18 -16.72 -27.91
C ASN B 177 14.14 -16.37 -26.74
N LEU B 178 13.54 -15.83 -25.65
CA LEU B 178 14.21 -15.39 -24.43
C LEU B 178 13.71 -16.18 -23.26
N VAL B 179 14.61 -16.57 -22.33
CA VAL B 179 14.26 -17.36 -21.15
C VAL B 179 14.19 -16.46 -19.90
N HIS B 180 13.06 -16.54 -19.16
CA HIS B 180 12.94 -15.81 -17.89
C HIS B 180 13.76 -16.63 -16.87
N GLY B 181 13.34 -17.86 -16.63
CA GLY B 181 14.04 -18.80 -15.78
C GLY B 181 13.72 -18.77 -14.30
N ASN B 182 12.76 -17.93 -13.90
CA ASN B 182 12.33 -17.78 -12.51
C ASN B 182 10.89 -17.31 -12.39
N VAL B 183 9.98 -18.03 -13.04
CA VAL B 183 8.55 -17.71 -12.96
C VAL B 183 8.05 -18.34 -11.66
N CYS B 184 7.71 -17.51 -10.67
CA CYS B 184 7.13 -17.93 -9.39
C CYS B 184 6.30 -16.81 -8.86
N GLY B 185 5.45 -17.06 -7.87
CA GLY B 185 4.54 -16.03 -7.33
C GLY B 185 5.21 -14.80 -6.76
N ARG B 186 6.37 -14.99 -6.12
CA ARG B 186 7.17 -13.92 -5.54
C ARG B 186 7.60 -12.92 -6.62
N ASN B 187 7.96 -13.41 -7.83
CA ASN B 187 8.41 -12.62 -8.98
C ASN B 187 7.27 -12.00 -9.78
N ILE B 188 6.02 -12.16 -9.29
CA ILE B 188 4.81 -11.55 -9.86
C ILE B 188 4.45 -10.44 -8.90
N LEU B 189 4.48 -9.18 -9.40
CA LEU B 189 4.18 -7.97 -8.62
C LEU B 189 2.85 -7.34 -9.02
N LEU B 190 2.04 -6.88 -8.02
CA LEU B 190 0.72 -6.30 -8.26
C LEU B 190 0.74 -4.78 -8.38
N ALA B 191 0.67 -4.25 -9.62
CA ALA B 191 0.66 -2.80 -9.88
C ALA B 191 -0.69 -2.21 -9.49
N ARG B 192 -1.75 -2.96 -9.74
CA ARG B 192 -3.11 -2.63 -9.38
C ARG B 192 -3.67 -3.89 -8.72
N LEU B 193 -4.17 -3.73 -7.49
CA LEU B 193 -4.60 -4.82 -6.60
C LEU B 193 -5.74 -5.68 -7.09
N GLY B 194 -6.79 -5.08 -7.64
CA GLY B 194 -7.91 -5.81 -8.22
C GLY B 194 -8.88 -6.52 -7.28
N LEU B 195 -8.59 -6.52 -5.98
CA LEU B 195 -9.54 -7.06 -5.03
C LEU B 195 -10.16 -5.87 -4.36
N ALA B 196 -11.39 -5.59 -4.81
CA ALA B 196 -12.32 -4.50 -4.47
C ALA B 196 -13.42 -4.50 -5.54
N GLU B 197 -14.68 -4.20 -5.14
CA GLU B 197 -15.81 -4.15 -6.08
C GLU B 197 -15.42 -3.25 -7.27
N GLY B 198 -15.52 -3.79 -8.47
CA GLY B 198 -15.21 -3.08 -9.70
C GLY B 198 -13.75 -2.81 -9.99
N THR B 199 -12.88 -3.77 -9.70
CA THR B 199 -11.44 -3.66 -10.00
C THR B 199 -10.88 -4.98 -10.56
N SER B 200 -9.94 -4.90 -11.52
CA SER B 200 -9.21 -6.07 -12.04
C SER B 200 -7.73 -5.89 -11.71
N PRO B 201 -6.99 -7.00 -11.41
CA PRO B 201 -5.57 -6.85 -11.07
C PRO B 201 -4.74 -6.50 -12.29
N PHE B 202 -3.56 -5.94 -12.06
CA PHE B 202 -2.61 -5.66 -13.12
C PHE B 202 -1.24 -6.06 -12.61
N ILE B 203 -0.71 -7.17 -13.11
CA ILE B 203 0.60 -7.70 -12.68
C ILE B 203 1.76 -7.24 -13.55
N LYS B 204 3.00 -7.41 -13.01
CA LYS B 204 4.27 -7.10 -13.67
C LYS B 204 5.27 -8.18 -13.23
N LEU B 205 5.84 -8.91 -14.18
CA LEU B 205 6.81 -9.96 -13.90
C LEU B 205 8.18 -9.31 -13.62
N SER B 206 8.77 -9.65 -12.47
CA SER B 206 10.05 -9.12 -11.98
C SER B 206 11.19 -9.73 -12.76
N ASP B 207 12.40 -9.16 -12.60
CA ASP B 207 13.63 -9.73 -13.15
C ASP B 207 13.84 -11.14 -12.52
N PRO B 208 14.42 -12.10 -13.27
CA PRO B 208 14.61 -13.44 -12.70
C PRO B 208 15.73 -13.57 -11.65
N GLY B 209 16.42 -12.47 -11.35
CA GLY B 209 17.55 -12.44 -10.42
C GLY B 209 18.77 -13.04 -11.08
N VAL B 210 19.78 -13.44 -10.26
CA VAL B 210 20.99 -14.11 -10.77
C VAL B 210 20.57 -15.27 -11.66
N GLY B 211 21.03 -15.27 -12.91
CA GLY B 211 20.72 -16.32 -13.88
C GLY B 211 20.90 -17.72 -13.30
N LEU B 212 19.98 -18.64 -13.64
CA LEU B 212 19.95 -20.03 -13.14
C LEU B 212 21.24 -20.79 -13.37
N GLY B 213 21.94 -20.49 -14.47
CA GLY B 213 23.19 -21.12 -14.88
C GLY B 213 24.30 -21.00 -13.85
N ALA B 214 24.32 -19.88 -13.09
CA ALA B 214 25.29 -19.61 -12.04
C ALA B 214 24.92 -20.22 -10.68
N LEU B 215 23.67 -20.68 -10.50
CA LEU B 215 23.23 -21.26 -9.23
C LEU B 215 23.81 -22.65 -8.96
N SER B 216 24.01 -22.96 -7.65
CA SER B 216 24.51 -24.24 -7.15
C SER B 216 23.35 -25.27 -7.12
N ARG B 217 23.63 -26.57 -6.90
CA ARG B 217 22.56 -27.57 -6.87
C ARG B 217 21.59 -27.31 -5.71
N GLU B 218 22.15 -27.02 -4.52
CA GLU B 218 21.43 -26.69 -3.29
C GLU B 218 20.48 -25.54 -3.58
N GLU B 219 20.93 -24.51 -4.34
CA GLU B 219 20.15 -23.32 -4.71
C GLU B 219 19.03 -23.66 -5.67
N ARG B 220 19.33 -24.55 -6.64
CA ARG B 220 18.37 -25.03 -7.64
C ARG B 220 17.28 -25.85 -6.97
N VAL B 221 17.65 -26.74 -6.02
CA VAL B 221 16.73 -27.57 -5.22
C VAL B 221 15.74 -26.64 -4.50
N GLU B 222 16.23 -25.55 -3.87
CA GLU B 222 15.34 -24.58 -3.19
C GLU B 222 14.19 -24.02 -4.08
N ARG B 223 14.37 -24.00 -5.42
CA ARG B 223 13.43 -23.46 -6.40
C ARG B 223 12.34 -24.44 -6.78
N ILE B 224 12.40 -25.69 -6.25
CA ILE B 224 11.35 -26.72 -6.42
C ILE B 224 10.18 -26.25 -5.58
N PRO B 225 8.94 -26.20 -6.10
CA PRO B 225 8.39 -26.80 -7.34
C PRO B 225 8.42 -25.99 -8.64
N TRP B 226 8.93 -24.76 -8.58
CA TRP B 226 8.93 -23.89 -9.75
C TRP B 226 10.00 -24.27 -10.74
N LEU B 227 11.17 -24.78 -10.24
CA LEU B 227 12.30 -25.21 -11.06
C LEU B 227 11.89 -26.35 -12.01
N ALA B 228 12.26 -26.27 -13.34
CA ALA B 228 11.97 -27.33 -14.32
C ALA B 228 12.87 -28.53 -13.96
N PRO B 229 12.34 -29.78 -13.87
CA PRO B 229 13.18 -30.91 -13.42
C PRO B 229 14.44 -31.16 -14.23
N GLU B 230 14.44 -30.79 -15.54
CA GLU B 230 15.60 -30.89 -16.43
C GLU B 230 16.74 -29.91 -16.00
N CYS B 231 16.42 -28.93 -15.17
CA CYS B 231 17.40 -27.97 -14.70
C CYS B 231 18.03 -28.43 -13.42
N LEU B 232 17.53 -29.55 -12.83
CA LEU B 232 18.09 -30.11 -11.59
C LEU B 232 19.56 -30.58 -11.79
N PRO B 233 19.92 -31.36 -12.85
CA PRO B 233 21.34 -31.68 -13.07
C PRO B 233 22.08 -30.52 -13.74
N LEU B 239 19.83 -23.74 -21.52
CA LEU B 239 18.61 -23.21 -20.91
C LEU B 239 17.51 -22.96 -21.96
N SER B 240 16.50 -23.87 -22.00
CA SER B 240 15.41 -23.76 -22.98
C SER B 240 14.28 -22.88 -22.52
N THR B 241 13.48 -22.36 -23.50
CA THR B 241 12.28 -21.56 -23.21
C THR B 241 11.21 -22.53 -22.66
N ALA B 242 11.45 -23.87 -22.80
CA ALA B 242 10.57 -24.94 -22.31
C ALA B 242 10.50 -24.92 -20.78
N MET B 243 11.56 -24.42 -20.12
CA MET B 243 11.63 -24.36 -18.66
C MET B 243 10.55 -23.44 -18.05
N ASP B 244 10.27 -22.28 -18.69
CA ASP B 244 9.26 -21.31 -18.23
C ASP B 244 7.83 -21.88 -18.29
N LYS B 245 7.58 -22.89 -19.11
CA LYS B 245 6.25 -23.52 -19.17
C LYS B 245 6.01 -24.32 -17.87
N TRP B 246 7.08 -24.95 -17.29
CA TRP B 246 6.97 -25.64 -16.00
C TRP B 246 6.76 -24.58 -14.87
N GLY B 247 7.58 -23.50 -14.88
CA GLY B 247 7.50 -22.38 -13.95
C GLY B 247 6.11 -21.78 -13.94
N PHE B 248 5.57 -21.51 -15.13
CA PHE B 248 4.22 -21.02 -15.34
C PHE B 248 3.20 -21.98 -14.72
N GLY B 249 3.35 -23.28 -14.98
CA GLY B 249 2.48 -24.33 -14.42
C GLY B 249 2.48 -24.41 -12.90
N ALA B 250 3.69 -24.43 -12.29
CA ALA B 250 3.86 -24.46 -10.84
C ALA B 250 3.34 -23.17 -10.16
N THR B 251 3.45 -22.02 -10.85
CA THR B 251 2.93 -20.73 -10.37
C THR B 251 1.42 -20.74 -10.44
N LEU B 252 0.86 -21.33 -11.50
CA LEU B 252 -0.59 -21.47 -11.68
C LEU B 252 -1.17 -22.25 -10.51
N LEU B 253 -0.44 -23.25 -9.98
CA LEU B 253 -0.87 -24.03 -8.81
C LEU B 253 -0.79 -23.20 -7.53
N GLU B 254 0.31 -22.41 -7.36
CA GLU B 254 0.57 -21.54 -6.21
C GLU B 254 -0.53 -20.49 -6.13
N ILE B 255 -0.98 -19.96 -7.28
CA ILE B 255 -2.07 -18.99 -7.35
C ILE B 255 -3.36 -19.63 -6.87
N CYS B 256 -3.66 -20.84 -7.38
CA CYS B 256 -4.86 -21.58 -7.01
C CYS B 256 -4.88 -21.91 -5.54
N PHE B 257 -3.74 -22.33 -4.97
CA PHE B 257 -3.65 -22.72 -3.56
C PHE B 257 -3.36 -21.52 -2.64
N ASP B 258 -3.77 -20.32 -3.08
CA ASP B 258 -3.68 -19.03 -2.42
C ASP B 258 -2.31 -18.71 -1.82
N GLY B 259 -1.29 -18.82 -2.66
CA GLY B 259 0.09 -18.50 -2.30
C GLY B 259 0.84 -19.56 -1.55
N GLU B 260 0.27 -20.78 -1.51
CA GLU B 260 0.83 -21.98 -0.86
C GLU B 260 1.16 -23.06 -1.93
N ALA B 261 2.39 -23.01 -2.49
CA ALA B 261 2.84 -23.95 -3.50
C ALA B 261 3.13 -25.35 -2.93
N PRO B 262 2.82 -26.44 -3.68
CA PRO B 262 3.13 -27.77 -3.15
C PRO B 262 4.63 -27.97 -3.03
N LEU B 263 5.06 -28.54 -1.90
CA LEU B 263 6.44 -28.90 -1.54
C LEU B 263 7.21 -27.79 -0.88
N GLN B 264 6.70 -26.54 -0.88
CA GLN B 264 7.33 -25.36 -0.25
C GLN B 264 7.91 -25.76 1.13
N SER B 265 7.03 -26.33 1.99
CA SER B 265 7.27 -26.77 3.36
C SER B 265 8.30 -27.91 3.50
N ARG B 266 8.28 -28.87 2.56
CA ARG B 266 9.15 -30.09 2.54
C ARG B 266 10.66 -29.79 2.59
N SER B 267 11.44 -30.77 3.07
CA SER B 267 12.91 -30.63 3.21
C SER B 267 13.65 -30.62 1.85
N PRO B 268 14.92 -30.15 1.73
CA PRO B 268 15.58 -30.17 0.40
C PRO B 268 15.69 -31.56 -0.19
N SER B 269 15.93 -32.58 0.68
CA SER B 269 16.04 -33.96 0.24
C SER B 269 14.69 -34.49 -0.21
N GLU B 270 13.59 -34.17 0.53
CA GLU B 270 12.21 -34.54 0.17
C GLU B 270 11.87 -33.97 -1.22
N LYS B 271 12.25 -32.68 -1.45
CA LYS B 271 12.05 -31.95 -2.72
C LYS B 271 12.87 -32.56 -3.85
N GLU B 272 14.16 -32.85 -3.61
CA GLU B 272 15.02 -33.48 -4.60
C GLU B 272 14.49 -34.87 -4.98
N HIS B 273 14.06 -35.66 -3.94
CA HIS B 273 13.49 -37.00 -4.08
C HIS B 273 12.28 -37.01 -5.02
N PHE B 274 11.37 -36.00 -4.90
CA PHE B 274 10.17 -35.86 -5.72
C PHE B 274 10.48 -35.79 -7.20
N TYR B 275 11.56 -35.09 -7.56
CA TYR B 275 11.98 -34.92 -8.95
C TYR B 275 12.72 -36.14 -9.45
N GLN B 276 13.60 -36.70 -8.56
CA GLN B 276 14.38 -37.91 -8.88
C GLN B 276 13.44 -39.07 -9.16
N ARG B 277 12.43 -39.28 -8.30
CA ARG B 277 11.45 -40.38 -8.46
C ARG B 277 10.36 -40.08 -9.51
N GLN B 278 10.50 -38.94 -10.24
CA GLN B 278 9.63 -38.47 -11.35
C GLN B 278 8.16 -38.26 -10.97
N HIS B 279 7.88 -38.01 -9.67
CA HIS B 279 6.55 -37.76 -9.11
C HIS B 279 5.90 -36.51 -9.73
N ARG B 280 4.57 -36.48 -9.84
CA ARG B 280 3.93 -35.31 -10.40
C ARG B 280 3.20 -34.47 -9.37
N LEU B 281 3.19 -33.14 -9.58
CA LEU B 281 2.60 -32.17 -8.67
C LEU B 281 1.10 -32.28 -8.62
N PRO B 282 0.48 -31.91 -7.45
CA PRO B 282 -0.99 -31.99 -7.32
C PRO B 282 -1.80 -31.28 -8.39
N GLU B 283 -3.06 -31.67 -8.50
CA GLU B 283 -4.01 -31.10 -9.43
C GLU B 283 -4.57 -29.79 -8.83
N PRO B 284 -4.79 -28.74 -9.64
CA PRO B 284 -5.37 -27.50 -9.10
C PRO B 284 -6.81 -27.70 -8.64
N SER B 285 -7.25 -26.97 -7.59
CA SER B 285 -8.61 -27.08 -7.04
C SER B 285 -9.68 -26.72 -8.11
N CYS B 286 -9.39 -25.68 -8.92
CA CYS B 286 -10.24 -25.18 -10.02
C CYS B 286 -10.02 -26.02 -11.28
N PRO B 287 -11.05 -26.77 -11.74
CA PRO B 287 -10.87 -27.65 -12.91
C PRO B 287 -10.64 -26.94 -14.24
N GLN B 288 -10.69 -25.58 -14.26
CA GLN B 288 -10.44 -24.77 -15.46
C GLN B 288 -8.95 -24.83 -15.86
N LEU B 289 -8.07 -24.86 -14.86
CA LEU B 289 -6.63 -24.88 -15.08
C LEU B 289 -6.02 -26.27 -15.02
N ALA B 290 -6.82 -27.27 -14.64
CA ALA B 290 -6.44 -28.68 -14.46
C ALA B 290 -5.74 -29.32 -15.67
N THR B 291 -6.23 -29.04 -16.89
CA THR B 291 -5.69 -29.59 -18.14
C THR B 291 -4.38 -28.87 -18.44
N LEU B 292 -4.43 -27.53 -18.44
CA LEU B 292 -3.31 -26.66 -18.70
C LEU B 292 -2.10 -26.96 -17.80
N THR B 293 -2.29 -27.07 -16.46
CA THR B 293 -1.20 -27.39 -15.53
C THR B 293 -0.61 -28.78 -15.77
N SER B 294 -1.46 -29.78 -16.08
CA SER B 294 -1.00 -31.13 -16.35
C SER B 294 -0.16 -31.17 -17.63
N GLN B 295 -0.54 -30.34 -18.64
CA GLN B 295 0.16 -30.21 -19.91
C GLN B 295 1.50 -29.52 -19.71
N CYS B 296 1.55 -28.54 -18.79
CA CYS B 296 2.73 -27.74 -18.47
C CYS B 296 3.73 -28.44 -17.57
N LEU B 297 3.24 -29.21 -16.61
CA LEU B 297 4.03 -29.85 -15.58
C LEU B 297 4.36 -31.32 -15.90
N THR B 298 4.85 -31.51 -17.13
CA THR B 298 5.32 -32.77 -17.69
C THR B 298 6.85 -32.76 -17.61
N TYR B 299 7.46 -33.92 -17.36
CA TYR B 299 8.91 -34.02 -17.27
C TYR B 299 9.61 -34.00 -18.65
N GLU B 300 8.82 -34.14 -19.74
CA GLU B 300 9.33 -34.10 -21.13
C GLU B 300 9.22 -32.66 -21.66
N PRO B 301 10.34 -31.90 -21.71
CA PRO B 301 10.28 -30.49 -22.14
C PRO B 301 9.56 -30.21 -23.47
N THR B 302 9.65 -31.15 -24.42
CA THR B 302 9.04 -31.03 -25.75
C THR B 302 7.51 -31.20 -25.69
N GLN B 303 7.00 -31.89 -24.64
CA GLN B 303 5.58 -32.15 -24.45
C GLN B 303 4.77 -30.95 -23.85
N ARG B 304 5.47 -29.86 -23.47
CA ARG B 304 4.86 -28.65 -22.90
C ARG B 304 4.27 -27.73 -23.99
N PRO B 305 3.03 -27.20 -23.79
CA PRO B 305 2.44 -26.31 -24.82
C PRO B 305 3.22 -25.01 -25.04
N SER B 306 2.98 -24.34 -26.17
CA SER B 306 3.62 -23.05 -26.44
C SER B 306 2.78 -22.02 -25.69
N PHE B 307 3.35 -20.84 -25.40
CA PHE B 307 2.57 -19.81 -24.70
C PHE B 307 1.46 -19.24 -25.59
N ARG B 308 1.63 -19.37 -26.93
CA ARG B 308 0.64 -19.02 -27.96
C ARG B 308 -0.61 -19.88 -27.72
N THR B 309 -0.41 -21.21 -27.51
CA THR B 309 -1.45 -22.19 -27.23
C THR B 309 -2.11 -21.88 -25.88
N ILE B 310 -1.29 -21.74 -24.81
CA ILE B 310 -1.72 -21.44 -23.43
C ILE B 310 -2.60 -20.19 -23.40
N LEU B 311 -2.16 -19.12 -24.08
CA LEU B 311 -2.86 -17.84 -24.18
C LEU B 311 -4.25 -17.99 -24.83
N ARG B 312 -4.35 -18.86 -25.86
CA ARG B 312 -5.59 -19.19 -26.58
C ARG B 312 -6.54 -19.93 -25.61
N ASP B 313 -6.04 -21.04 -25.00
CA ASP B 313 -6.75 -21.89 -24.03
C ASP B 313 -7.30 -21.10 -22.85
N LEU B 314 -6.57 -20.05 -22.39
CA LEU B 314 -6.98 -19.19 -21.27
C LEU B 314 -8.16 -18.30 -21.60
N THR B 315 -8.33 -17.89 -22.88
CA THR B 315 -9.47 -17.05 -23.31
C THR B 315 -10.83 -17.81 -23.26
N ARG B 316 -10.79 -19.17 -23.30
CA ARG B 316 -11.96 -20.03 -23.22
C ARG B 316 -12.39 -20.26 -21.76
#